data_3PMB
#
_entry.id   3PMB
#
_cell.length_a   87.644
_cell.length_b   87.644
_cell.length_c   194.514
_cell.angle_alpha   90.00
_cell.angle_beta   90.00
_cell.angle_gamma   90.00
#
_symmetry.space_group_name_H-M   'P 43 21 2'
#
loop_
_entity.id
_entity.type
_entity.pdbx_description
1 polymer 'Thrombin light chain'
2 polymer 'Thrombin heavy chain'
3 non-polymer 'SODIUM ION'
4 water water
#
loop_
_entity_poly.entity_id
_entity_poly.type
_entity_poly.pdbx_seq_one_letter_code
_entity_poly.pdbx_strand_id
1 'polypeptide(L)' EADCGLRPLFEKKQVQDQTEKELFESYIE A,C
2 'polypeptide(L)'
;IVEGQDAEVGLSPWQVMLFRKSPQELLCGASLISDRWVLTAAHCLLYPPWDKNFTVDDLLVRIGKHSRTRYERKVEKISM
LDKIYIHPRYNWKENLDRDIALLKLKRPIELSDYIHPVCLPDKQTAAKLLHAGFKGRVTGWGNRRETWTTSVAEVQPSVL
QVVNLPLVERPVCKASTRIRITDNMFCAGYKPGEGKRGDACEGDSGGPFVMKSPYNNRWYQMGIVSWGEGCDRDGKYGFY
THVFRLKKWIQKVIDRLGS
;
B,D
#
loop_
_chem_comp.id
_chem_comp.type
_chem_comp.name
_chem_comp.formula
NA non-polymer 'SODIUM ION' 'Na 1'
#
# COMPACT_ATOMS: atom_id res chain seq x y z
N GLU A 1 5.20 -9.12 2.63
CA GLU A 1 5.36 -10.27 3.57
C GLU A 1 6.74 -10.25 4.24
N ALA A 2 6.74 -10.23 5.56
CA ALA A 2 7.98 -10.09 6.34
C ALA A 2 8.77 -11.40 6.40
N ASP A 3 8.05 -12.51 6.25
CA ASP A 3 8.64 -13.84 6.41
C ASP A 3 8.74 -14.59 5.08
N CYS A 4 8.44 -13.91 3.98
CA CYS A 4 8.46 -14.53 2.64
C CYS A 4 9.87 -14.95 2.26
N GLY A 5 9.97 -15.96 1.40
CA GLY A 5 11.25 -16.42 0.87
C GLY A 5 11.91 -17.51 1.70
N LEU A 6 11.58 -17.57 2.98
CA LEU A 6 12.19 -18.57 3.87
C LEU A 6 11.28 -19.77 4.03
N ARG A 7 11.77 -20.92 3.56
CA ARG A 7 10.97 -22.16 3.59
C ARG A 7 11.03 -22.82 4.97
N PRO A 8 9.84 -23.07 5.57
CA PRO A 8 9.74 -23.72 6.88
C PRO A 8 10.60 -24.99 7.01
N LEU A 9 10.66 -25.79 5.94
CA LEU A 9 11.43 -27.04 5.92
C LEU A 9 12.87 -26.88 5.42
N PHE A 10 13.28 -25.66 5.12
CA PHE A 10 14.65 -25.42 4.62
C PHE A 10 15.41 -24.26 5.27
N GLU A 11 15.05 -23.03 4.92
CA GLU A 11 15.72 -21.84 5.47
C GLU A 11 15.50 -21.65 6.98
N LYS A 12 14.37 -22.15 7.48
CA LYS A 12 14.10 -22.13 8.92
C LYS A 12 14.86 -23.23 9.64
N LYS A 13 15.25 -24.26 8.90
CA LYS A 13 15.99 -25.39 9.48
C LYS A 13 17.46 -25.41 9.11
N GLN A 14 17.91 -24.41 8.34
CA GLN A 14 19.29 -24.33 7.84
C GLN A 14 19.68 -25.57 7.02
N VAL A 15 18.66 -26.29 6.56
CA VAL A 15 18.83 -27.40 5.64
C VAL A 15 18.72 -26.81 4.24
N GLN A 16 19.65 -27.17 3.36
CA GLN A 16 19.59 -26.69 1.98
C GLN A 16 19.25 -27.79 0.99
N ASP A 17 18.33 -27.50 0.09
CA ASP A 17 17.81 -28.52 -0.84
C ASP A 17 18.88 -29.08 -1.78
N GLN A 18 18.55 -30.19 -2.43
CA GLN A 18 19.52 -30.97 -3.22
C GLN A 18 20.12 -30.23 -4.43
N THR A 19 19.40 -29.24 -4.96
CA THR A 19 19.87 -28.52 -6.15
C THR A 19 20.14 -27.02 -5.92
N GLU A 20 20.31 -26.62 -4.66
CA GLU A 20 20.65 -25.23 -4.32
C GLU A 20 22.04 -24.82 -4.79
N LYS A 21 23.04 -25.67 -4.52
CA LYS A 21 24.43 -25.42 -4.95
C LYS A 21 24.51 -25.12 -6.44
N GLU A 22 23.69 -25.81 -7.23
CA GLU A 22 23.59 -25.61 -8.68
C GLU A 22 23.31 -24.15 -9.03
N LEU A 23 22.40 -23.52 -8.30
CA LEU A 23 21.98 -22.14 -8.56
C LEU A 23 23.09 -21.13 -8.26
N PHE A 24 23.51 -21.06 -6.99
CA PHE A 24 24.52 -20.11 -6.54
C PHE A 24 25.83 -20.20 -7.34
N GLU A 25 26.10 -21.40 -7.83
CA GLU A 25 27.29 -21.69 -8.61
C GLU A 25 27.28 -20.92 -9.94
N SER A 26 26.09 -20.84 -10.55
CA SER A 26 25.94 -20.15 -11.83
C SER A 26 26.23 -18.66 -11.71
N TYR A 27 26.03 -18.11 -10.50
CA TYR A 27 26.24 -16.70 -10.22
C TYR A 27 27.70 -16.26 -10.40
N ILE A 28 28.62 -17.16 -10.07
CA ILE A 28 30.05 -16.88 -10.23
C ILE A 28 30.57 -17.41 -11.57
N GLU A 29 30.09 -16.81 -12.66
CA GLU A 29 30.46 -17.16 -14.04
C GLU A 29 30.14 -18.61 -14.39
N ILE B 1 6.86 -30.58 -16.39
CA ILE B 1 8.31 -30.28 -16.40
C ILE B 1 9.05 -31.39 -17.14
N VAL B 2 9.70 -31.03 -18.25
CA VAL B 2 10.51 -31.96 -19.03
C VAL B 2 11.94 -31.95 -18.51
N GLU B 3 12.53 -33.14 -18.39
CA GLU B 3 13.92 -33.32 -17.94
C GLU B 3 14.20 -32.72 -16.57
N GLY B 4 13.18 -32.75 -15.72
CA GLY B 4 13.31 -32.34 -14.32
C GLY B 4 13.47 -33.57 -13.44
N GLN B 5 13.25 -33.38 -12.15
CA GLN B 5 13.36 -34.48 -11.19
C GLN B 5 12.38 -34.28 -10.04
N ASP B 6 12.11 -35.35 -9.29
CA ASP B 6 11.21 -35.27 -8.13
C ASP B 6 11.72 -34.26 -7.11
N ALA B 7 10.87 -33.32 -6.74
CA ALA B 7 11.21 -32.33 -5.73
C ALA B 7 11.24 -32.94 -4.32
N GLU B 8 12.06 -32.36 -3.45
CA GLU B 8 12.06 -32.72 -2.04
C GLU B 8 10.79 -32.19 -1.41
N VAL B 9 10.43 -32.77 -0.27
CA VAL B 9 9.24 -32.39 0.45
C VAL B 9 9.39 -30.98 1.00
N GLY B 10 8.50 -30.09 0.57
CA GLY B 10 8.49 -28.70 1.02
C GLY B 10 9.46 -27.79 0.28
N LEU B 11 9.85 -28.19 -0.92
CA LEU B 11 10.80 -27.42 -1.72
C LEU B 11 10.23 -26.10 -2.23
N SER B 12 8.93 -26.10 -2.53
CA SER B 12 8.24 -24.93 -3.03
C SER B 12 6.88 -24.78 -2.34
N PRO B 13 6.89 -24.21 -1.11
CA PRO B 13 5.65 -24.07 -0.33
C PRO B 13 4.67 -23.04 -0.90
N TRP B 14 5.17 -22.18 -1.80
CA TRP B 14 4.34 -21.22 -2.50
C TRP B 14 3.65 -21.83 -3.72
N GLN B 15 3.90 -23.11 -3.97
CA GLN B 15 3.29 -23.80 -5.11
C GLN B 15 1.77 -23.86 -4.97
N VAL B 16 1.08 -23.39 -6.01
CA VAL B 16 -0.37 -23.45 -6.07
C VAL B 16 -0.76 -24.21 -7.33
N MET B 17 -1.77 -25.07 -7.20
CA MET B 17 -2.36 -25.76 -8.34
C MET B 17 -3.69 -25.11 -8.71
N LEU B 18 -3.85 -24.79 -9.99
CA LEU B 18 -5.12 -24.27 -10.48
C LEU B 18 -5.85 -25.41 -11.17
N PHE B 19 -6.98 -25.80 -10.60
CA PHE B 19 -7.75 -26.92 -11.09
C PHE B 19 -9.04 -26.43 -11.71
N ARG B 20 -9.49 -27.16 -12.72
CA ARG B 20 -10.83 -26.98 -13.26
C ARG B 20 -11.78 -27.64 -12.27
N LYS B 21 -12.92 -27.02 -12.03
CA LYS B 21 -13.89 -27.54 -11.07
C LYS B 21 -14.59 -28.79 -11.60
N SER B 22 -14.90 -28.79 -12.89
CA SER B 22 -15.68 -29.86 -13.52
C SER B 22 -15.51 -29.91 -15.04
N PRO B 23 -14.90 -30.99 -15.58
CA PRO B 23 -14.28 -32.10 -14.83
C PRO B 23 -12.92 -31.67 -14.26
N GLN B 24 -12.59 -32.17 -13.07
CA GLN B 24 -11.38 -31.70 -12.42
C GLN B 24 -10.11 -32.21 -13.11
N GLU B 25 -9.28 -31.26 -13.49
CA GLU B 25 -8.03 -31.50 -14.20
C GLU B 25 -7.10 -30.32 -13.93
N LEU B 26 -5.81 -30.59 -13.74
CA LEU B 26 -4.86 -29.52 -13.53
C LEU B 26 -4.80 -28.68 -14.80
N LEU B 27 -5.11 -27.40 -14.65
CA LEU B 27 -5.10 -26.46 -15.78
C LEU B 27 -3.78 -25.73 -15.86
N CYS B 28 -3.28 -25.31 -14.70
CA CYS B 28 -2.13 -24.42 -14.59
C CYS B 28 -1.53 -24.48 -13.21
N GLY B 29 -0.24 -24.15 -13.12
CA GLY B 29 0.38 -23.84 -11.85
C GLY B 29 0.08 -22.39 -11.48
N ALA B 30 0.42 -22.03 -10.25
CA ALA B 30 0.27 -20.67 -9.77
C ALA B 30 1.19 -20.50 -8.56
N SER B 31 1.20 -19.32 -7.95
CA SER B 31 2.07 -19.07 -6.81
C SER B 31 1.36 -18.33 -5.68
N LEU B 32 1.87 -18.52 -4.47
CA LEU B 32 1.35 -17.87 -3.27
C LEU B 32 2.27 -16.71 -2.92
N ILE B 33 1.75 -15.49 -2.96
CA ILE B 33 2.55 -14.28 -2.73
C ILE B 33 2.28 -13.58 -1.38
N SER B 34 1.12 -13.87 -0.79
CA SER B 34 0.77 -13.48 0.58
C SER B 34 -0.19 -14.52 1.14
N ASP B 35 -0.73 -14.31 2.34
CA ASP B 35 -1.67 -15.26 2.94
C ASP B 35 -3.03 -15.26 2.22
N ARG B 36 -3.23 -14.27 1.35
CA ARG B 36 -4.52 -14.06 0.68
C ARG B 36 -4.46 -14.11 -0.84
N TRP B 37 -3.32 -13.69 -1.40
CA TRP B 37 -3.20 -13.52 -2.85
C TRP B 37 -2.41 -14.60 -3.59
N VAL B 38 -2.88 -14.94 -4.79
CA VAL B 38 -2.22 -15.93 -5.65
C VAL B 38 -1.89 -15.29 -6.99
N LEU B 39 -0.68 -15.57 -7.48
CA LEU B 39 -0.21 -15.03 -8.75
C LEU B 39 -0.16 -16.13 -9.81
N THR B 40 -0.63 -15.83 -11.02
CA THR B 40 -0.62 -16.78 -12.14
C THR B 40 -0.60 -16.07 -13.50
N ALA B 41 -0.55 -16.85 -14.59
CA ALA B 41 -0.57 -16.29 -15.93
C ALA B 41 -1.99 -15.92 -16.36
N ALA B 42 -2.11 -14.85 -17.13
CA ALA B 42 -3.40 -14.37 -17.60
C ALA B 42 -4.09 -15.41 -18.48
N HIS B 43 -3.35 -15.97 -19.44
CA HIS B 43 -3.88 -16.92 -20.42
C HIS B 43 -4.43 -18.22 -19.81
N CYS B 44 -4.17 -18.41 -18.52
CA CYS B 44 -4.70 -19.56 -17.79
C CYS B 44 -6.16 -19.33 -17.50
N LEU B 45 -6.59 -18.08 -17.61
CA LEU B 45 -7.96 -17.70 -17.30
C LEU B 45 -8.68 -17.20 -18.53
N LEU B 46 -7.95 -16.43 -19.36
CA LEU B 46 -8.55 -15.77 -20.51
C LEU B 46 -7.77 -16.02 -21.79
N TYR B 47 -8.35 -16.82 -22.67
CA TYR B 47 -7.83 -17.04 -24.01
C TYR B 47 -9.01 -17.30 -24.95
N PRO B 48 -9.62 -16.22 -25.49
CA PRO B 48 -10.81 -16.28 -26.35
C PRO B 48 -10.80 -17.25 -27.55
N PRO B 49 -9.66 -17.42 -28.25
CA PRO B 49 -9.68 -18.36 -29.39
C PRO B 49 -10.12 -19.77 -28.98
N TRP B 50 -9.56 -20.28 -27.90
CA TRP B 50 -9.94 -21.58 -27.36
C TRP B 50 -11.22 -21.50 -26.53
N ASP B 51 -11.90 -20.35 -26.62
CA ASP B 51 -13.23 -20.17 -26.01
C ASP B 51 -13.17 -20.08 -24.48
N LYS B 52 -12.06 -19.56 -23.95
CA LYS B 52 -11.75 -19.64 -22.51
C LYS B 52 -11.91 -18.30 -21.78
N ASN B 53 -12.89 -18.24 -20.88
CA ASN B 53 -13.14 -17.06 -20.06
C ASN B 53 -13.61 -17.48 -18.67
N PHE B 54 -12.67 -18.01 -17.88
CA PHE B 54 -12.98 -18.58 -16.58
C PHE B 54 -13.48 -17.56 -15.55
N THR B 55 -14.55 -17.91 -14.86
CA THR B 55 -15.06 -17.13 -13.74
C THR B 55 -14.51 -17.70 -12.43
N VAL B 56 -14.85 -17.07 -11.31
CA VAL B 56 -14.37 -17.52 -9.99
C VAL B 56 -14.89 -18.91 -9.58
N ASP B 57 -16.04 -19.31 -10.12
CA ASP B 57 -16.66 -20.60 -9.76
C ASP B 57 -16.47 -21.69 -10.82
N ASP B 58 -15.44 -21.51 -11.65
CA ASP B 58 -15.05 -22.52 -12.64
C ASP B 58 -13.80 -23.25 -12.17
N LEU B 59 -13.19 -22.72 -11.11
CA LEU B 59 -11.85 -23.14 -10.69
C LEU B 59 -11.70 -23.31 -9.18
N LEU B 60 -10.77 -24.17 -8.79
CA LEU B 60 -10.40 -24.38 -7.39
C LEU B 60 -8.88 -24.47 -7.30
N VAL B 61 -8.32 -23.81 -6.29
CA VAL B 61 -6.88 -23.87 -6.09
C VAL B 61 -6.50 -25.08 -5.22
N ARG B 62 -5.20 -25.39 -5.20
CA ARG B 62 -4.67 -26.49 -4.41
C ARG B 62 -3.33 -26.05 -3.84
N ILE B 63 -3.19 -26.10 -2.51
CA ILE B 63 -2.00 -25.56 -1.86
C ILE B 63 -1.39 -26.50 -0.82
N GLY B 64 -0.20 -27.02 -1.12
CA GLY B 64 0.58 -27.82 -0.17
C GLY B 64 0.80 -29.30 -0.45
N LYS B 65 0.42 -29.77 -1.65
CA LYS B 65 0.56 -31.19 -2.01
C LYS B 65 0.09 -31.47 -3.45
N VAL B 75 -2.27 -31.94 4.66
CA VAL B 75 -1.33 -30.83 4.46
C VAL B 75 -1.80 -29.90 3.33
N GLU B 76 -2.68 -30.45 2.48
CA GLU B 76 -3.22 -29.74 1.32
C GLU B 76 -4.50 -28.97 1.68
N LYS B 77 -4.52 -27.68 1.36
CA LYS B 77 -5.70 -26.84 1.60
C LYS B 77 -6.30 -26.32 0.29
N ILE B 78 -7.42 -26.93 -0.11
CA ILE B 78 -8.17 -26.53 -1.30
C ILE B 78 -8.98 -25.28 -0.98
N SER B 79 -9.06 -24.36 -1.94
CA SER B 79 -9.73 -23.08 -1.72
C SER B 79 -10.49 -22.59 -2.95
N MET B 80 -11.52 -21.78 -2.71
CA MET B 80 -12.24 -21.10 -3.79
C MET B 80 -11.81 -19.65 -3.83
N LEU B 81 -11.83 -19.06 -5.03
CA LEU B 81 -11.42 -17.67 -5.20
C LEU B 81 -12.59 -16.70 -5.13
N ASP B 82 -12.27 -15.46 -4.79
CA ASP B 82 -13.26 -14.43 -4.58
C ASP B 82 -13.33 -13.48 -5.78
N LYS B 83 -12.17 -13.04 -6.25
CA LYS B 83 -12.10 -12.11 -7.37
C LYS B 83 -10.89 -12.38 -8.23
N ILE B 84 -11.09 -12.36 -9.55
CA ILE B 84 -10.00 -12.53 -10.50
C ILE B 84 -9.63 -11.20 -11.14
N TYR B 85 -8.34 -10.93 -11.25
CA TYR B 85 -7.86 -9.70 -11.88
C TYR B 85 -6.85 -10.02 -12.97
N ILE B 86 -7.25 -9.81 -14.23
CA ILE B 86 -6.37 -9.98 -15.38
C ILE B 86 -5.91 -8.60 -15.85
N HIS B 87 -4.65 -8.50 -16.27
CA HIS B 87 -4.11 -7.25 -16.78
C HIS B 87 -4.96 -6.69 -17.94
N PRO B 88 -5.28 -5.38 -17.90
CA PRO B 88 -6.14 -4.79 -18.93
C PRO B 88 -5.49 -4.74 -20.30
N ARG B 89 -4.15 -4.73 -20.32
CA ARG B 89 -3.41 -4.65 -21.58
C ARG B 89 -2.67 -5.94 -21.92
N TYR B 90 -3.21 -7.03 -21.36
CA TYR B 90 -2.81 -8.37 -21.71
C TYR B 90 -3.22 -8.64 -23.16
N ASN B 91 -2.25 -9.08 -23.96
CA ASN B 91 -2.43 -9.24 -25.40
C ASN B 91 -2.37 -10.69 -25.86
N TRP B 92 -3.54 -11.33 -25.92
CA TRP B 92 -3.66 -12.73 -26.34
C TRP B 92 -3.62 -12.92 -27.85
N LYS B 93 -3.92 -11.86 -28.60
CA LYS B 93 -3.95 -11.92 -30.06
C LYS B 93 -2.58 -12.21 -30.68
N GLU B 94 -1.54 -11.53 -30.19
CA GLU B 94 -0.23 -11.56 -30.84
C GLU B 94 0.82 -12.43 -30.15
N ASN B 95 1.21 -12.05 -28.93
CA ASN B 95 2.42 -12.60 -28.32
C ASN B 95 2.32 -12.97 -26.84
N LEU B 96 1.10 -12.85 -26.30
CA LEU B 96 0.85 -13.02 -24.86
C LEU B 96 1.62 -12.01 -24.02
N ASP B 97 1.65 -10.76 -24.48
CA ASP B 97 2.26 -9.66 -23.71
C ASP B 97 1.47 -9.44 -22.41
N ARG B 98 2.18 -9.08 -21.35
CA ARG B 98 1.59 -8.82 -20.03
C ARG B 98 0.70 -9.98 -19.59
N ASP B 99 1.24 -11.18 -19.75
CA ASP B 99 0.57 -12.43 -19.39
C ASP B 99 0.65 -12.60 -17.88
N ILE B 100 -0.25 -11.93 -17.17
CA ILE B 100 -0.25 -11.90 -15.70
C ILE B 100 -1.66 -11.75 -15.17
N ALA B 101 -1.96 -12.48 -14.08
CA ALA B 101 -3.25 -12.38 -13.42
C ALA B 101 -3.17 -12.66 -11.92
N LEU B 102 -3.98 -11.94 -11.15
CA LEU B 102 -4.02 -12.11 -9.71
C LEU B 102 -5.29 -12.78 -9.25
N LEU B 103 -5.14 -13.74 -8.36
CA LEU B 103 -6.25 -14.47 -7.77
C LEU B 103 -6.38 -14.09 -6.30
N LYS B 104 -7.57 -13.66 -5.89
CA LYS B 104 -7.85 -13.37 -4.49
C LYS B 104 -8.68 -14.49 -3.87
N LEU B 105 -8.09 -15.17 -2.88
CA LEU B 105 -8.77 -16.28 -2.22
C LEU B 105 -9.92 -15.77 -1.36
N LYS B 106 -11.00 -16.54 -1.29
CA LYS B 106 -12.16 -16.18 -0.47
C LYS B 106 -11.71 -15.60 0.88
N ARG B 107 -10.90 -16.37 1.59
CA ARG B 107 -10.34 -15.91 2.88
C ARG B 107 -8.87 -16.30 3.01
N PRO B 108 -8.13 -15.59 3.90
CA PRO B 108 -6.73 -15.91 4.16
C PRO B 108 -6.49 -17.39 4.43
N ILE B 109 -5.35 -17.90 3.99
CA ILE B 109 -4.99 -19.29 4.20
C ILE B 109 -4.08 -19.40 5.40
N GLU B 110 -4.15 -20.55 6.05
CA GLU B 110 -3.31 -20.82 7.20
C GLU B 110 -1.93 -21.29 6.72
N LEU B 111 -0.88 -20.57 7.13
CA LEU B 111 0.48 -20.93 6.76
C LEU B 111 0.94 -22.17 7.50
N SER B 112 1.89 -22.89 6.91
CA SER B 112 2.39 -24.14 7.51
C SER B 112 3.75 -24.50 6.94
N ASP B 113 4.24 -25.67 7.34
CA ASP B 113 5.50 -26.20 6.83
C ASP B 113 5.40 -26.46 5.33
N TYR B 114 4.17 -26.52 4.82
CA TYR B 114 3.91 -26.82 3.42
C TYR B 114 3.25 -25.66 2.68
N ILE B 115 2.83 -24.64 3.43
CA ILE B 115 2.21 -23.44 2.86
C ILE B 115 2.93 -22.18 3.34
N HIS B 116 3.59 -21.49 2.41
CA HIS B 116 4.38 -20.30 2.71
C HIS B 116 4.58 -19.42 1.45
N PRO B 117 4.37 -18.10 1.56
CA PRO B 117 4.43 -17.22 0.40
C PRO B 117 5.85 -16.87 -0.07
N VAL B 118 5.98 -16.59 -1.36
CA VAL B 118 7.25 -16.19 -1.94
C VAL B 118 7.33 -14.65 -2.03
N CYS B 119 8.54 -14.13 -2.24
CA CYS B 119 8.74 -12.68 -2.30
C CYS B 119 8.67 -12.16 -3.73
N LEU B 120 8.21 -10.92 -3.88
CA LEU B 120 8.25 -10.23 -5.16
C LEU B 120 9.51 -9.36 -5.21
N PRO B 121 10.23 -9.40 -6.33
CA PRO B 121 11.52 -8.72 -6.41
C PRO B 121 11.40 -7.20 -6.39
N ASP B 122 12.38 -6.56 -5.75
CA ASP B 122 12.51 -5.12 -5.77
C ASP B 122 13.67 -4.72 -6.68
N LYS B 123 13.78 -3.41 -6.97
CA LYS B 123 14.78 -2.89 -7.92
C LYS B 123 16.21 -3.41 -7.68
N GLN B 124 16.66 -3.44 -6.44
CA GLN B 124 17.98 -3.97 -6.12
C GLN B 124 18.08 -5.46 -6.47
N THR B 125 17.04 -6.22 -6.15
CA THR B 125 17.02 -7.67 -6.40
C THR B 125 17.15 -8.04 -7.92
N ALA B 126 16.85 -7.07 -8.80
CA ALA B 126 16.93 -7.14 -10.27
C ALA B 126 18.30 -7.12 -10.65
N ALA B 127 18.60 -5.89 -10.45
CA ALA B 127 19.81 -5.48 -10.84
C ALA B 127 20.63 -6.73 -10.54
N LYS B 128 20.57 -7.26 -9.31
CA LYS B 128 21.49 -8.31 -8.91
C LYS B 128 21.30 -9.70 -9.54
N LEU B 129 20.07 -10.07 -9.88
CA LEU B 129 19.79 -11.44 -10.29
C LEU B 129 19.46 -11.66 -11.78
N LEU B 130 18.78 -10.71 -12.41
CA LEU B 130 18.36 -10.88 -13.80
C LEU B 130 19.51 -10.69 -14.78
N HIS B 131 20.33 -11.73 -14.88
CA HIS B 131 21.51 -11.74 -15.75
C HIS B 131 21.59 -13.05 -16.52
N ALA B 132 22.13 -12.97 -17.74
CA ALA B 132 22.31 -14.14 -18.59
C ALA B 132 23.30 -15.09 -17.95
N GLY B 133 22.97 -16.38 -18.00
CA GLY B 133 23.80 -17.42 -17.38
C GLY B 133 23.34 -17.77 -15.97
N PHE B 134 22.72 -16.80 -15.29
CA PHE B 134 22.22 -16.96 -13.94
C PHE B 134 21.01 -17.88 -13.94
N LYS B 135 21.04 -18.88 -13.06
CA LYS B 135 20.01 -19.92 -13.05
C LYS B 135 18.80 -19.58 -12.19
N GLY B 136 17.65 -20.09 -12.61
CA GLY B 136 16.40 -19.96 -11.87
C GLY B 136 15.68 -21.29 -11.77
N ARG B 137 14.69 -21.34 -10.87
CA ARG B 137 13.97 -22.58 -10.60
C ARG B 137 12.54 -22.56 -11.12
N VAL B 138 12.18 -23.62 -11.86
CA VAL B 138 10.83 -23.82 -12.37
C VAL B 138 10.24 -25.10 -11.79
N THR B 139 8.97 -25.05 -11.40
CA THR B 139 8.33 -26.15 -10.70
C THR B 139 6.86 -26.28 -11.09
N GLY B 140 6.38 -27.52 -11.22
CA GLY B 140 4.98 -27.76 -11.60
C GLY B 140 4.60 -29.24 -11.71
N TRP B 141 3.30 -29.51 -11.89
CA TRP B 141 2.85 -30.90 -12.13
C TRP B 141 2.44 -31.12 -13.58
N GLY B 142 3.02 -30.31 -14.47
CA GLY B 142 2.77 -30.47 -15.90
C GLY B 142 3.40 -31.73 -16.46
N ASN B 143 3.17 -31.97 -17.75
CA ASN B 143 3.66 -33.15 -18.44
C ASN B 143 5.17 -33.29 -18.42
N ARG B 144 5.65 -34.54 -18.39
CA ARG B 144 7.07 -34.84 -18.42
C ARG B 144 7.63 -34.91 -19.84
N ARG B 145 6.73 -35.13 -20.80
CA ARG B 145 7.11 -35.20 -22.21
C ARG B 145 6.13 -34.38 -23.07
N GLU B 146 6.32 -34.41 -24.39
CA GLU B 146 5.53 -33.56 -25.29
C GLU B 146 4.62 -34.25 -26.30
N GLN B 156 2.33 -37.67 -17.04
CA GLN B 156 1.91 -37.08 -15.77
C GLN B 156 2.86 -37.47 -14.63
N PRO B 157 3.25 -36.48 -13.79
CA PRO B 157 4.13 -36.75 -12.67
C PRO B 157 3.37 -37.19 -11.42
N SER B 158 4.05 -37.98 -10.58
CA SER B 158 3.52 -38.47 -9.31
C SER B 158 3.79 -37.48 -8.17
N VAL B 159 4.92 -36.79 -8.26
CA VAL B 159 5.33 -35.79 -7.28
C VAL B 159 5.61 -34.47 -8.00
N LEU B 160 5.69 -33.37 -7.25
CA LEU B 160 6.07 -32.06 -7.80
C LEU B 160 7.44 -32.15 -8.46
N GLN B 161 7.56 -31.53 -9.63
CA GLN B 161 8.81 -31.56 -10.39
C GLN B 161 9.59 -30.25 -10.32
N VAL B 162 10.91 -30.37 -10.22
CA VAL B 162 11.80 -29.22 -10.16
C VAL B 162 12.87 -29.29 -11.25
N VAL B 163 13.13 -28.15 -11.88
CA VAL B 163 14.19 -28.04 -12.87
C VAL B 163 14.87 -26.68 -12.73
N ASN B 164 16.19 -26.67 -12.89
CA ASN B 164 16.94 -25.41 -12.83
C ASN B 164 17.50 -25.01 -14.19
N LEU B 165 17.07 -23.83 -14.65
CA LEU B 165 17.37 -23.36 -16.00
C LEU B 165 17.95 -21.95 -15.99
N PRO B 166 19.04 -21.73 -16.75
CA PRO B 166 19.67 -20.41 -16.74
C PRO B 166 18.94 -19.40 -17.60
N LEU B 167 18.91 -18.14 -17.15
CA LEU B 167 18.38 -17.04 -17.92
C LEU B 167 19.19 -16.87 -19.20
N VAL B 168 18.50 -16.57 -20.29
CA VAL B 168 19.12 -16.47 -21.61
C VAL B 168 19.17 -15.00 -22.07
N GLU B 169 20.27 -14.64 -22.74
CA GLU B 169 20.45 -13.30 -23.33
C GLU B 169 19.23 -12.88 -24.14
N ARG B 170 18.86 -11.60 -24.07
CA ARG B 170 17.69 -11.10 -24.78
C ARG B 170 17.72 -11.28 -26.30
N PRO B 171 18.86 -10.99 -26.96
CA PRO B 171 18.89 -11.19 -28.41
C PRO B 171 18.71 -12.66 -28.81
N VAL B 172 19.26 -13.58 -28.02
CA VAL B 172 19.15 -15.00 -28.31
C VAL B 172 17.70 -15.47 -28.21
N CYS B 173 16.95 -14.90 -27.27
CA CYS B 173 15.51 -15.15 -27.15
C CYS B 173 14.79 -14.69 -28.41
N LYS B 174 15.04 -13.46 -28.81
CA LYS B 174 14.38 -12.87 -29.98
C LYS B 174 14.63 -13.69 -31.24
N ALA B 175 15.87 -14.17 -31.41
CA ALA B 175 16.30 -14.90 -32.59
C ALA B 175 15.80 -16.35 -32.63
N SER B 176 15.32 -16.83 -31.48
CA SER B 176 14.87 -18.22 -31.36
C SER B 176 13.40 -18.40 -31.78
N THR B 177 12.72 -17.28 -32.02
CA THR B 177 11.30 -17.31 -32.33
C THR B 177 10.96 -16.27 -33.38
N ARG B 178 9.74 -16.34 -33.92
CA ARG B 178 9.23 -15.27 -34.77
C ARG B 178 8.20 -14.42 -34.10
N ILE B 179 7.72 -14.88 -32.96
CA ILE B 179 6.81 -14.11 -32.14
C ILE B 179 7.54 -12.83 -31.71
N ARG B 180 6.79 -11.73 -31.62
CA ARG B 180 7.36 -10.47 -31.13
C ARG B 180 7.54 -10.55 -29.62
N ILE B 181 8.77 -10.33 -29.15
CA ILE B 181 9.11 -10.38 -27.74
C ILE B 181 9.14 -8.95 -27.18
N THR B 182 8.46 -8.75 -26.05
CA THR B 182 8.41 -7.45 -25.41
C THR B 182 9.28 -7.45 -24.17
N ASP B 183 9.60 -6.26 -23.67
CA ASP B 183 10.35 -6.09 -22.43
C ASP B 183 9.60 -6.69 -21.22
N ASN B 184 8.32 -6.95 -21.40
CA ASN B 184 7.51 -7.55 -20.33
C ASN B 184 7.64 -9.08 -20.26
N MET B 185 8.55 -9.64 -21.07
CA MET B 185 8.88 -11.07 -21.06
C MET B 185 10.38 -11.28 -21.03
N PHE B 186 10.77 -12.45 -20.52
CA PHE B 186 12.15 -12.94 -20.63
C PHE B 186 12.11 -14.44 -20.90
N CYS B 187 13.20 -14.97 -21.46
CA CYS B 187 13.28 -16.40 -21.73
C CYS B 187 14.43 -17.08 -20.99
N ALA B 188 14.29 -18.37 -20.72
CA ALA B 188 15.31 -19.16 -20.04
C ALA B 188 15.36 -20.59 -20.57
N GLY B 189 16.47 -21.27 -20.28
CA GLY B 189 16.71 -22.62 -20.76
C GLY B 189 18.15 -22.79 -21.22
N TYR B 190 18.50 -23.98 -21.69
CA TYR B 190 19.84 -24.27 -22.19
C TYR B 190 19.88 -24.20 -23.72
N LYS B 191 21.01 -23.77 -24.28
CA LYS B 191 21.23 -23.72 -25.72
C LYS B 191 21.58 -25.13 -26.23
N PRO B 192 21.27 -25.43 -27.52
CA PRO B 192 21.63 -26.73 -28.10
C PRO B 192 23.06 -27.11 -27.77
N GLY B 193 23.24 -28.28 -27.16
CA GLY B 193 24.58 -28.79 -26.85
C GLY B 193 25.29 -28.05 -25.74
N GLU B 194 24.53 -27.58 -24.75
CA GLU B 194 25.09 -26.99 -23.54
C GLU B 194 25.25 -28.09 -22.49
N GLY B 195 24.75 -29.28 -22.82
CA GLY B 195 24.78 -30.43 -21.91
C GLY B 195 23.43 -30.64 -21.27
N LYS B 196 23.15 -29.91 -20.21
CA LYS B 196 21.87 -30.02 -19.50
C LYS B 196 20.69 -29.57 -20.39
N ARG B 197 19.50 -30.12 -20.09
CA ARG B 197 18.26 -29.77 -20.78
C ARG B 197 17.24 -29.26 -19.76
N GLY B 198 15.97 -29.33 -20.15
CA GLY B 198 14.87 -28.97 -19.27
C GLY B 198 14.00 -27.85 -19.82
N ASP B 199 12.72 -27.91 -19.47
CA ASP B 199 11.74 -26.90 -19.83
C ASP B 199 10.47 -27.16 -19.04
N ALA B 200 9.59 -26.16 -19.01
CA ALA B 200 8.22 -26.35 -18.56
C ALA B 200 7.43 -26.99 -19.69
N CYS B 201 6.26 -27.53 -19.36
CA CYS B 201 5.39 -28.14 -20.36
C CYS B 201 3.93 -27.93 -20.00
N GLU B 202 3.04 -28.44 -20.85
CA GLU B 202 1.59 -28.30 -20.64
C GLU B 202 1.20 -28.73 -19.22
N GLY B 203 0.68 -27.78 -18.45
CA GLY B 203 0.29 -28.02 -17.07
C GLY B 203 1.12 -27.25 -16.05
N ASP B 204 2.27 -26.74 -16.50
CA ASP B 204 3.17 -25.94 -15.67
C ASP B 204 2.92 -24.47 -15.88
N SER B 205 2.31 -24.16 -17.02
CA SER B 205 2.01 -22.78 -17.40
C SER B 205 1.37 -22.02 -16.26
N GLY B 206 1.78 -20.78 -16.05
CA GLY B 206 1.23 -19.96 -14.96
C GLY B 206 1.95 -20.13 -13.63
N GLY B 207 2.82 -21.14 -13.57
CA GLY B 207 3.64 -21.39 -12.38
C GLY B 207 4.78 -20.40 -12.19
N PRO B 208 5.54 -20.54 -11.10
CA PRO B 208 6.62 -19.61 -10.77
C PRO B 208 7.98 -19.95 -11.38
N PHE B 209 8.69 -18.90 -11.77
CA PHE B 209 10.12 -19.00 -12.03
C PHE B 209 10.75 -18.26 -10.87
N VAL B 210 11.36 -19.01 -9.97
CA VAL B 210 11.95 -18.43 -8.76
C VAL B 210 13.46 -18.46 -8.73
N MET B 211 14.03 -17.42 -8.12
CA MET B 211 15.46 -17.29 -7.96
C MET B 211 15.76 -17.03 -6.50
N LYS B 212 16.91 -17.49 -6.02
CA LYS B 212 17.29 -17.23 -4.64
C LYS B 212 18.27 -16.05 -4.53
N SER B 213 18.00 -15.17 -3.57
CA SER B 213 18.84 -14.01 -3.33
C SER B 213 20.00 -14.33 -2.39
N PRO B 214 21.25 -14.10 -2.85
CA PRO B 214 22.40 -14.20 -1.95
C PRO B 214 22.41 -13.09 -0.91
N TYR B 215 21.64 -12.03 -1.14
CA TYR B 215 21.62 -10.88 -0.25
C TYR B 215 20.96 -11.20 1.08
N ASN B 216 19.77 -11.81 1.04
CA ASN B 216 19.01 -12.09 2.27
C ASN B 216 18.52 -13.55 2.48
N ASN B 217 19.06 -14.47 1.69
CA ASN B 217 18.74 -15.91 1.79
C ASN B 217 17.27 -16.27 1.48
N ARG B 218 16.56 -15.34 0.86
CA ARG B 218 15.13 -15.51 0.57
C ARG B 218 14.90 -15.80 -0.90
N TRP B 219 13.87 -16.59 -1.20
CA TRP B 219 13.47 -16.88 -2.57
C TRP B 219 12.57 -15.77 -3.13
N TYR B 220 12.83 -15.40 -4.36
CA TYR B 220 12.06 -14.37 -5.05
C TYR B 220 11.53 -14.96 -6.34
N GLN B 221 10.27 -14.64 -6.67
CA GLN B 221 9.71 -15.04 -7.95
C GLN B 221 10.00 -13.98 -9.01
N MET B 222 10.86 -14.34 -9.96
CA MET B 222 11.22 -13.44 -11.06
C MET B 222 10.29 -13.58 -12.26
N GLY B 223 9.74 -14.77 -12.46
CA GLY B 223 8.93 -15.04 -13.65
C GLY B 223 7.68 -15.88 -13.46
N ILE B 224 6.78 -15.78 -14.43
CA ILE B 224 5.58 -16.62 -14.48
C ILE B 224 5.65 -17.39 -15.78
N VAL B 225 5.62 -18.72 -15.70
CA VAL B 225 5.65 -19.59 -16.87
C VAL B 225 4.52 -19.15 -17.80
N SER B 226 4.89 -18.68 -19.00
CA SER B 226 3.94 -18.05 -19.91
C SER B 226 3.69 -18.88 -21.16
N TRP B 227 4.72 -19.03 -21.99
CA TRP B 227 4.58 -19.76 -23.24
C TRP B 227 5.90 -20.26 -23.84
N GLY B 228 5.78 -21.19 -24.78
CA GLY B 228 6.91 -21.72 -25.55
C GLY B 228 6.39 -22.45 -26.77
N GLU B 229 7.26 -22.64 -27.77
CA GLU B 229 6.91 -23.47 -28.91
C GLU B 229 7.34 -24.91 -28.63
N GLY B 230 6.39 -25.70 -28.13
CA GLY B 230 6.66 -27.09 -27.73
C GLY B 230 7.22 -27.22 -26.33
N CYS B 231 7.98 -28.28 -26.09
CA CYS B 231 8.57 -28.55 -24.78
C CYS B 231 9.96 -29.12 -24.90
N ASP B 232 10.95 -28.35 -24.42
CA ASP B 232 12.35 -28.76 -24.40
C ASP B 232 12.92 -29.09 -25.78
N ARG B 233 12.69 -28.20 -26.74
CA ARG B 233 13.25 -28.37 -28.07
C ARG B 233 14.54 -27.60 -28.21
N ASP B 234 15.44 -28.12 -29.05
CA ASP B 234 16.70 -27.48 -29.33
C ASP B 234 16.51 -26.23 -30.16
N GLY B 235 17.12 -25.13 -29.72
CA GLY B 235 17.02 -23.85 -30.41
C GLY B 235 15.78 -23.08 -30.00
N LYS B 236 15.07 -23.61 -29.01
CA LYS B 236 13.87 -22.98 -28.46
C LYS B 236 13.98 -22.81 -26.95
N TYR B 237 13.22 -21.86 -26.42
CA TYR B 237 13.26 -21.50 -25.00
C TYR B 237 11.86 -21.23 -24.49
N GLY B 238 11.64 -21.51 -23.21
CA GLY B 238 10.40 -21.15 -22.54
C GLY B 238 10.40 -19.66 -22.20
N PHE B 239 9.26 -19.02 -22.43
CA PHE B 239 9.15 -17.60 -22.17
C PHE B 239 8.32 -17.35 -20.94
N TYR B 240 8.81 -16.44 -20.10
CA TYR B 240 8.24 -16.19 -18.79
C TYR B 240 7.90 -14.72 -18.65
N THR B 241 6.79 -14.43 -17.98
CA THR B 241 6.34 -13.07 -17.70
C THR B 241 7.30 -12.43 -16.72
N HIS B 242 7.67 -11.19 -16.98
CA HIS B 242 8.64 -10.47 -16.15
C HIS B 242 7.95 -9.89 -14.93
N VAL B 243 8.03 -10.60 -13.81
CA VAL B 243 7.30 -10.20 -12.61
C VAL B 243 7.66 -8.78 -12.17
N PHE B 244 8.94 -8.51 -11.94
CA PHE B 244 9.38 -7.20 -11.44
C PHE B 244 8.89 -6.03 -12.28
N ARG B 245 8.93 -6.19 -13.60
CA ARG B 245 8.53 -5.14 -14.53
C ARG B 245 7.01 -4.88 -14.48
N LEU B 246 6.27 -5.79 -13.85
CA LEU B 246 4.81 -5.66 -13.69
C LEU B 246 4.43 -5.54 -12.20
N LYS B 247 5.42 -5.21 -11.36
CA LYS B 247 5.24 -5.04 -9.92
C LYS B 247 4.27 -3.90 -9.57
N LYS B 248 4.39 -2.77 -10.28
CA LYS B 248 3.50 -1.62 -10.10
C LYS B 248 2.03 -2.03 -10.20
N TRP B 249 1.69 -2.77 -11.25
CA TRP B 249 0.32 -3.24 -11.47
C TRP B 249 -0.14 -4.20 -10.38
N ILE B 250 0.76 -5.06 -9.91
CA ILE B 250 0.46 -6.00 -8.84
C ILE B 250 0.15 -5.24 -7.56
N GLN B 251 0.95 -4.21 -7.27
CA GLN B 251 0.74 -3.36 -6.10
C GLN B 251 -0.50 -2.48 -6.24
N LYS B 252 -0.82 -2.08 -7.46
CA LYS B 252 -1.96 -1.21 -7.73
C LYS B 252 -3.29 -1.89 -7.41
N VAL B 253 -3.46 -3.14 -7.84
CA VAL B 253 -4.71 -3.87 -7.63
C VAL B 253 -4.91 -4.24 -6.15
N ILE B 254 -3.83 -4.24 -5.38
CA ILE B 254 -3.93 -4.36 -3.93
C ILE B 254 -3.91 -2.99 -3.28
N ASP B 255 -3.34 -1.99 -3.96
CA ASP B 255 -3.37 -0.61 -3.45
C ASP B 255 -2.39 -0.43 -2.29
N GLU C 1 -4.05 0.70 9.44
CA GLU C 1 -4.28 -0.36 10.47
C GLU C 1 -5.75 -0.83 10.46
N ALA C 2 -5.95 -2.10 10.76
CA ALA C 2 -7.30 -2.66 10.81
C ALA C 2 -8.11 -2.08 11.97
N ASP C 3 -7.42 -1.58 12.98
CA ASP C 3 -8.07 -1.06 14.19
C ASP C 3 -7.95 0.46 14.30
N CYS C 4 -7.73 1.13 13.17
CA CYS C 4 -7.74 2.59 13.09
C CYS C 4 -9.13 3.17 13.40
N GLY C 5 -9.18 4.44 13.81
CA GLY C 5 -10.43 5.18 13.96
C GLY C 5 -11.30 4.85 15.16
N LEU C 6 -10.89 3.87 15.96
CA LEU C 6 -11.62 3.46 17.15
C LEU C 6 -10.86 3.87 18.41
N ARG C 7 -11.50 4.66 19.26
CA ARG C 7 -10.84 5.26 20.41
C ARG C 7 -10.94 4.40 21.67
N PRO C 8 -9.78 4.04 22.26
CA PRO C 8 -9.68 3.27 23.49
C PRO C 8 -10.56 3.78 24.64
N LEU C 9 -10.71 5.10 24.77
CA LEU C 9 -11.50 5.69 25.85
C LEU C 9 -12.92 6.11 25.45
N PHE C 10 -13.35 5.74 24.24
CA PHE C 10 -14.68 6.11 23.75
C PHE C 10 -15.40 4.98 22.99
N GLU C 11 -15.08 4.83 21.71
CA GLU C 11 -15.72 3.81 20.88
C GLU C 11 -15.51 2.39 21.41
N LYS C 12 -14.28 2.11 21.85
CA LYS C 12 -13.91 0.78 22.34
C LYS C 12 -14.47 0.50 23.73
N LYS C 13 -15.21 1.49 24.25
CA LYS C 13 -15.82 1.42 25.59
C LYS C 13 -17.31 1.71 25.56
N GLN C 14 -17.87 1.92 24.36
CA GLN C 14 -19.30 2.21 24.18
C GLN C 14 -19.73 3.58 24.74
N VAL C 15 -18.77 4.45 25.00
CA VAL C 15 -19.01 5.80 25.50
C VAL C 15 -18.86 6.82 24.36
N GLN C 16 -19.80 7.76 24.27
CA GLN C 16 -19.76 8.82 23.26
C GLN C 16 -19.26 10.14 23.87
N ASP C 17 -18.76 11.03 23.04
CA ASP C 17 -18.21 12.30 23.53
C ASP C 17 -19.22 13.46 23.42
N GLN C 18 -18.90 14.58 24.08
CA GLN C 18 -19.86 15.68 24.29
C GLN C 18 -20.49 16.26 23.02
N THR C 19 -19.76 16.24 21.92
CA THR C 19 -20.28 16.83 20.68
C THR C 19 -20.44 15.90 19.49
N GLU C 20 -20.21 14.60 19.70
CA GLU C 20 -20.50 13.56 18.70
C GLU C 20 -21.88 13.72 18.07
N LYS C 21 -22.89 13.92 18.91
CA LYS C 21 -24.29 14.08 18.50
C LYS C 21 -24.46 15.14 17.42
N GLU C 22 -23.74 16.25 17.57
CA GLU C 22 -23.76 17.38 16.64
C GLU C 22 -23.31 16.98 15.23
N LEU C 23 -22.24 16.17 15.17
CA LEU C 23 -21.67 15.66 13.91
C LEU C 23 -22.67 14.80 13.15
N PHE C 24 -23.25 13.82 13.87
CA PHE C 24 -24.24 12.93 13.30
C PHE C 24 -25.52 13.68 12.93
N GLU C 25 -25.90 14.65 13.74
CA GLU C 25 -27.12 15.43 13.50
C GLU C 25 -27.01 16.19 12.18
N SER C 26 -25.85 16.79 11.91
CA SER C 26 -25.64 17.52 10.67
C SER C 26 -25.89 16.66 9.43
N TYR C 27 -25.63 15.36 9.56
CA TYR C 27 -25.87 14.43 8.46
C TYR C 27 -27.34 14.38 8.08
N ILE C 28 -28.20 14.59 9.09
CA ILE C 28 -29.65 14.36 8.94
C ILE C 28 -30.35 15.43 8.10
N GLU C 29 -31.11 14.93 7.11
CA GLU C 29 -31.98 15.70 6.22
C GLU C 29 -32.53 14.78 5.11
N ILE D 1 -7.21 27.07 17.87
CA ILE D 1 -8.67 26.90 17.65
C ILE D 1 -9.43 28.05 18.29
N VAL D 2 -10.06 28.85 17.44
CA VAL D 2 -10.90 29.97 17.86
C VAL D 2 -12.32 29.46 18.06
N GLU D 3 -12.94 29.87 19.15
CA GLU D 3 -14.34 29.52 19.46
C GLU D 3 -14.57 28.01 19.59
N GLY D 4 -13.54 27.30 20.03
CA GLY D 4 -13.65 25.88 20.35
C GLY D 4 -13.87 25.73 21.84
N GLN D 5 -13.64 24.52 22.35
CA GLN D 5 -13.75 24.21 23.78
C GLN D 5 -12.76 23.12 24.17
N ASP D 6 -12.50 23.00 25.47
CA ASP D 6 -11.57 21.98 25.99
C ASP D 6 -12.02 20.57 25.64
N ALA D 7 -11.14 19.82 24.97
CA ALA D 7 -11.42 18.44 24.60
C ALA D 7 -11.46 17.52 25.82
N GLU D 8 -12.26 16.46 25.73
CA GLU D 8 -12.25 15.39 26.73
C GLU D 8 -10.94 14.61 26.64
N VAL D 9 -10.57 13.97 27.73
CA VAL D 9 -9.34 13.21 27.79
C VAL D 9 -9.44 12.01 26.86
N GLY D 10 -8.58 11.99 25.85
CA GLY D 10 -8.53 10.89 24.89
C GLY D 10 -9.47 11.04 23.71
N LEU D 11 -9.89 12.27 23.45
CA LEU D 11 -10.80 12.58 22.34
C LEU D 11 -10.15 12.38 20.97
N SER D 12 -8.88 12.75 20.86
CA SER D 12 -8.16 12.64 19.60
C SER D 12 -6.80 11.98 19.80
N PRO D 13 -6.78 10.63 19.91
CA PRO D 13 -5.54 9.89 20.18
C PRO D 13 -4.56 9.92 19.00
N TRP D 14 -5.04 10.31 17.83
CA TRP D 14 -4.19 10.46 16.65
C TRP D 14 -3.55 11.85 16.59
N GLN D 15 -3.80 12.68 17.59
CA GLN D 15 -3.23 14.02 17.64
C GLN D 15 -1.72 13.97 17.78
N VAL D 16 -1.03 14.67 16.89
CA VAL D 16 0.42 14.79 16.94
C VAL D 16 0.77 16.28 16.98
N MET D 17 1.72 16.64 17.84
CA MET D 17 2.26 17.99 17.88
C MET D 17 3.61 18.04 17.18
N LEU D 18 3.73 18.94 16.20
CA LEU D 18 5.01 19.17 15.54
C LEU D 18 5.70 20.35 16.20
N PHE D 19 6.83 20.07 16.84
CA PHE D 19 7.59 21.07 17.57
C PHE D 19 8.86 21.42 16.82
N ARG D 20 9.28 22.67 17.00
CA ARG D 20 10.62 23.08 16.65
C ARG D 20 11.56 22.56 17.75
N LYS D 21 12.71 22.04 17.36
CA LYS D 21 13.69 21.51 18.30
C LYS D 21 14.37 22.61 19.11
N SER D 22 14.66 23.75 18.46
CA SER D 22 15.42 24.83 19.08
C SER D 22 15.22 26.18 18.38
N PRO D 23 14.62 27.17 19.07
CA PRO D 23 14.00 27.04 20.40
C PRO D 23 12.67 26.32 20.30
N GLN D 24 12.31 25.54 21.30
CA GLN D 24 11.12 24.72 21.18
C GLN D 24 9.84 25.54 21.24
N GLU D 25 8.98 25.31 20.25
CA GLU D 25 7.70 25.99 20.11
C GLU D 25 6.85 25.10 19.22
N LEU D 26 5.55 25.05 19.51
CA LEU D 26 4.62 24.34 18.63
C LEU D 26 4.56 25.04 17.29
N LEU D 27 4.92 24.31 16.23
CA LEU D 27 4.90 24.86 14.89
C LEU D 27 3.59 24.54 14.18
N CYS D 28 3.08 23.34 14.43
CA CYS D 28 1.98 22.78 13.67
C CYS D 28 1.38 21.58 14.36
N GLY D 29 0.12 21.30 14.04
CA GLY D 29 -0.50 20.02 14.35
C GLY D 29 -0.10 19.00 13.29
N ALA D 30 -0.40 17.74 13.59
CA ALA D 30 -0.17 16.63 12.67
C ALA D 30 -1.06 15.49 13.11
N SER D 31 -1.07 14.38 12.37
CA SER D 31 -1.92 13.25 12.71
C SER D 31 -1.19 11.92 12.65
N LEU D 32 -1.68 10.94 13.41
CA LEU D 32 -1.12 9.60 13.42
C LEU D 32 -1.99 8.66 12.56
N ILE D 33 -1.41 8.09 11.50
CA ILE D 33 -2.17 7.26 10.55
C ILE D 33 -1.80 5.77 10.59
N SER D 34 -0.64 5.46 11.19
CA SER D 34 -0.25 4.09 11.51
C SER D 34 0.65 4.14 12.74
N ASP D 35 1.24 3.02 13.13
CA ASP D 35 2.19 3.03 14.25
C ASP D 35 3.51 3.70 13.89
N ARG D 36 3.70 3.98 12.60
CA ARG D 36 4.99 4.45 12.07
C ARG D 36 4.89 5.80 11.37
N TRP D 37 3.75 6.09 10.73
CA TRP D 37 3.61 7.25 9.87
C TRP D 37 2.76 8.38 10.44
N VAL D 38 3.20 9.61 10.18
CA VAL D 38 2.50 10.82 10.61
C VAL D 38 2.13 11.66 9.39
N LEU D 39 0.93 12.23 9.41
CA LEU D 39 0.44 13.04 8.29
C LEU D 39 0.31 14.50 8.72
N THR D 40 0.78 15.41 7.86
CA THR D 40 0.75 16.84 8.15
C THR D 40 0.72 17.71 6.87
N ALA D 41 0.72 19.03 7.05
CA ALA D 41 0.74 19.95 5.92
C ALA D 41 2.17 20.18 5.41
N ALA D 42 2.31 20.42 4.12
CA ALA D 42 3.62 20.64 3.51
C ALA D 42 4.24 21.99 3.88
N HIS D 43 3.42 23.00 4.15
CA HIS D 43 3.92 24.34 4.47
C HIS D 43 4.45 24.44 5.90
N CYS D 44 4.16 23.40 6.69
CA CYS D 44 4.67 23.28 8.05
C CYS D 44 6.16 23.00 8.03
N LEU D 45 6.63 22.46 6.90
CA LEU D 45 8.04 22.07 6.76
C LEU D 45 8.76 22.93 5.71
N LEU D 46 8.04 23.32 4.68
CA LEU D 46 8.62 24.09 3.58
C LEU D 46 7.72 25.25 3.17
N TYR D 47 8.24 26.47 3.32
CA TYR D 47 7.58 27.69 2.88
C TYR D 47 8.63 28.79 2.73
N PRO D 48 9.28 28.86 1.55
CA PRO D 48 10.39 29.78 1.30
C PRO D 48 10.15 31.27 1.58
N PRO D 49 8.92 31.80 1.35
CA PRO D 49 8.68 33.21 1.69
C PRO D 49 9.05 33.59 3.13
N TRP D 50 9.01 32.64 4.06
CA TRP D 50 9.46 32.89 5.43
C TRP D 50 10.78 32.18 5.70
N ASP D 51 11.49 31.79 4.64
CA ASP D 51 12.79 31.10 4.75
C ASP D 51 12.70 29.84 5.62
N LYS D 52 11.62 29.07 5.41
CA LYS D 52 11.41 27.80 6.11
C LYS D 52 11.71 26.62 5.18
N ASN D 53 12.67 25.80 5.58
CA ASN D 53 12.90 24.49 4.96
C ASN D 53 13.44 23.55 6.02
N PHE D 54 12.52 22.98 6.81
CA PHE D 54 12.89 22.15 7.95
C PHE D 54 13.32 20.75 7.54
N THR D 55 14.44 20.31 8.11
CA THR D 55 14.92 18.93 7.93
C THR D 55 14.53 18.09 9.15
N VAL D 56 14.80 16.79 9.08
CA VAL D 56 14.53 15.87 10.19
C VAL D 56 15.24 16.24 11.51
N ASP D 57 16.38 16.91 11.40
CA ASP D 57 17.15 17.35 12.55
C ASP D 57 16.52 18.50 13.34
N ASP D 58 15.77 19.36 12.65
CA ASP D 58 15.16 20.55 13.26
C ASP D 58 13.84 20.27 13.97
N LEU D 59 13.30 19.08 13.76
CA LEU D 59 11.96 18.74 14.23
C LEU D 59 11.90 17.57 15.21
N LEU D 60 10.84 17.58 16.01
CA LEU D 60 10.46 16.50 16.92
C LEU D 60 8.94 16.48 16.97
N VAL D 61 8.36 15.34 17.36
CA VAL D 61 6.90 15.23 17.46
C VAL D 61 6.43 14.72 18.82
N ARG D 62 5.35 15.31 19.33
CA ARG D 62 4.74 14.88 20.58
C ARG D 62 3.38 14.19 20.32
N ILE D 63 3.13 13.08 21.03
CA ILE D 63 1.94 12.23 20.78
C ILE D 63 1.28 11.71 22.06
N GLY D 64 0.04 12.12 22.30
CA GLY D 64 -0.76 11.59 23.39
C GLY D 64 -0.75 12.36 24.71
N LYS D 65 -0.92 13.67 24.63
CA LYS D 65 -0.95 14.50 25.86
C LYS D 65 -2.25 15.29 26.03
N HIS D 66 -2.42 15.84 27.24
CA HIS D 66 -3.49 16.78 27.55
C HIS D 66 -2.87 17.96 28.32
N SER D 67 -1.81 18.51 27.72
CA SER D 67 -1.05 19.63 28.27
C SER D 67 -0.15 20.24 27.19
N ARG D 68 -0.17 21.57 27.08
CA ARG D 68 0.72 22.27 26.14
C ARG D 68 2.08 22.57 26.79
N THR D 69 2.05 22.93 28.07
CA THR D 69 3.26 23.23 28.85
C THR D 69 3.31 22.42 30.14
N ARG D 73 4.80 13.61 29.52
CA ARG D 73 5.78 13.23 30.53
C ARG D 73 5.49 11.87 31.19
N LYS D 74 4.32 11.31 30.89
CA LYS D 74 3.90 10.01 31.44
C LYS D 74 3.09 9.16 30.45
N VAL D 75 2.30 9.83 29.61
CA VAL D 75 1.44 9.23 28.59
C VAL D 75 1.85 9.73 27.21
N GLU D 76 2.69 10.77 27.22
CA GLU D 76 3.18 11.45 26.03
C GLU D 76 4.51 10.83 25.56
N LYS D 77 4.58 10.45 24.29
CA LYS D 77 5.79 9.87 23.71
C LYS D 77 6.39 10.78 22.64
N ILE D 78 7.48 11.45 23.00
CA ILE D 78 8.22 12.32 22.09
C ILE D 78 9.09 11.47 21.14
N SER D 79 9.13 11.85 19.88
CA SER D 79 9.85 11.07 18.87
C SER D 79 10.59 11.94 17.85
N MET D 80 11.67 11.40 17.31
CA MET D 80 12.39 12.03 16.21
C MET D 80 12.01 11.35 14.90
N LEU D 81 12.07 12.09 13.80
CA LEU D 81 11.68 11.57 12.50
C LEU D 81 12.86 11.02 11.74
N ASP D 82 12.58 10.15 10.80
CA ASP D 82 13.61 9.47 10.04
C ASP D 82 13.68 9.99 8.61
N LYS D 83 12.52 10.23 8.01
CA LYS D 83 12.47 10.75 6.65
C LYS D 83 11.25 11.63 6.46
N ILE D 84 11.43 12.74 5.73
CA ILE D 84 10.31 13.63 5.37
C ILE D 84 9.98 13.49 3.89
N TYR D 85 8.69 13.47 3.59
CA TYR D 85 8.22 13.34 2.20
C TYR D 85 7.20 14.43 1.91
N ILE D 86 7.59 15.42 1.13
CA ILE D 86 6.69 16.51 0.71
C ILE D 86 6.25 16.26 -0.72
N HIS D 87 4.99 16.54 -1.03
CA HIS D 87 4.47 16.35 -2.39
C HIS D 87 5.33 17.10 -3.42
N PRO D 88 5.70 16.42 -4.52
CA PRO D 88 6.53 17.05 -5.55
C PRO D 88 5.83 18.19 -6.28
N ARG D 89 4.50 18.14 -6.33
CA ARG D 89 3.71 19.16 -7.02
C ARG D 89 2.96 20.09 -6.08
N TYR D 90 3.48 20.15 -4.86
CA TYR D 90 3.04 21.11 -3.85
C TYR D 90 3.43 22.52 -4.32
N ASN D 91 2.42 23.40 -4.36
CA ASN D 91 2.57 24.74 -4.93
C ASN D 91 2.47 25.85 -3.88
N TRP D 92 3.63 26.26 -3.35
CA TRP D 92 3.70 27.30 -2.33
C TRP D 92 3.63 28.73 -2.89
N LYS D 93 3.98 28.90 -4.17
CA LYS D 93 3.95 30.21 -4.82
C LYS D 93 2.56 30.83 -4.89
N GLU D 94 1.56 30.02 -5.22
CA GLU D 94 0.23 30.54 -5.57
C GLU D 94 -0.86 30.33 -4.50
N ASN D 95 -1.21 29.07 -4.24
CA ASN D 95 -2.41 28.75 -3.49
C ASN D 95 -2.28 27.62 -2.47
N LEU D 96 -1.06 27.16 -2.24
CA LEU D 96 -0.79 26.00 -1.38
C LEU D 96 -1.51 24.74 -1.87
N ASP D 97 -1.51 24.55 -3.19
CA ASP D 97 -2.07 23.34 -3.77
C ASP D 97 -1.26 22.13 -3.34
N ARG D 98 -1.95 21.01 -3.13
CA ARG D 98 -1.33 19.76 -2.69
C ARG D 98 -0.48 19.96 -1.44
N ASP D 99 -1.06 20.68 -0.48
CA ASP D 99 -0.41 20.98 0.81
C ASP D 99 -0.49 19.75 1.70
N ILE D 100 0.49 18.87 1.54
CA ILE D 100 0.48 17.56 2.17
C ILE D 100 1.91 17.04 2.33
N ALA D 101 2.19 16.41 3.47
CA ALA D 101 3.51 15.81 3.72
C ALA D 101 3.43 14.65 4.70
N LEU D 102 4.29 13.66 4.48
CA LEU D 102 4.34 12.48 5.32
C LEU D 102 5.60 12.46 6.15
N LEU D 103 5.44 12.16 7.44
CA LEU D 103 6.54 12.08 8.37
C LEU D 103 6.72 10.63 8.79
N LYS D 104 7.94 10.11 8.62
CA LYS D 104 8.25 8.76 9.05
C LYS D 104 9.03 8.80 10.35
N LEU D 105 8.48 8.21 11.40
CA LEU D 105 9.12 8.19 12.72
C LEU D 105 10.30 7.24 12.73
N LYS D 106 11.37 7.61 13.44
CA LYS D 106 12.56 6.75 13.54
C LYS D 106 12.18 5.27 13.70
N ARG D 107 11.32 4.99 14.67
CA ARG D 107 10.80 3.64 14.89
C ARG D 107 9.32 3.65 15.27
N PRO D 108 8.63 2.51 15.09
CA PRO D 108 7.22 2.39 15.48
C PRO D 108 6.96 2.87 16.91
N ILE D 109 5.81 3.49 17.13
CA ILE D 109 5.41 3.96 18.44
C ILE D 109 4.48 2.93 19.10
N GLU D 110 4.52 2.88 20.42
CA GLU D 110 3.62 2.02 21.18
C GLU D 110 2.24 2.63 21.27
N LEU D 111 1.23 1.86 20.84
CA LEU D 111 -0.15 2.31 20.94
C LEU D 111 -0.63 2.25 22.39
N SER D 112 -1.60 3.09 22.73
CA SER D 112 -2.12 3.19 24.10
C SER D 112 -3.50 3.83 24.13
N ASP D 113 -4.01 4.04 25.33
CA ASP D 113 -5.29 4.71 25.54
C ASP D 113 -5.23 6.15 25.05
N TYR D 114 -4.02 6.65 24.87
CA TYR D 114 -3.82 8.04 24.45
C TYR D 114 -3.12 8.15 23.09
N ILE D 115 -2.70 7.00 22.55
CA ILE D 115 -2.05 6.95 21.24
C ILE D 115 -2.71 5.88 20.36
N HIS D 116 -3.38 6.33 19.29
CA HIS D 116 -4.11 5.45 18.38
C HIS D 116 -4.30 6.10 17.00
N PRO D 117 -4.06 5.34 15.91
CA PRO D 117 -4.10 5.93 14.57
C PRO D 117 -5.51 6.11 14.00
N VAL D 118 -5.66 7.12 13.15
CA VAL D 118 -6.94 7.41 12.49
C VAL D 118 -6.96 6.74 11.11
N CYS D 119 -8.15 6.64 10.51
CA CYS D 119 -8.33 5.98 9.23
C CYS D 119 -8.26 6.96 8.07
N LEU D 120 -7.71 6.50 6.96
CA LEU D 120 -7.75 7.26 5.71
C LEU D 120 -8.99 6.86 4.92
N PRO D 121 -9.73 7.85 4.39
CA PRO D 121 -11.00 7.56 3.73
C PRO D 121 -10.83 6.80 2.43
N ASP D 122 -11.81 5.94 2.14
CA ASP D 122 -11.88 5.21 0.88
C ASP D 122 -13.03 5.77 0.04
N LYS D 123 -13.12 5.34 -1.23
CA LYS D 123 -14.12 5.85 -2.18
C LYS D 123 -15.54 5.91 -1.64
N GLN D 124 -15.97 4.85 -0.96
CA GLN D 124 -17.31 4.81 -0.38
C GLN D 124 -17.45 5.83 0.76
N THR D 125 -16.43 5.93 1.61
CA THR D 125 -16.45 6.81 2.78
C THR D 125 -16.41 8.30 2.43
N ALA D 126 -15.41 8.67 1.65
CA ALA D 126 -15.23 10.05 1.19
C ALA D 126 -16.52 10.41 0.58
N ALA D 127 -17.10 9.42 -0.04
CA ALA D 127 -18.19 9.75 -0.85
C ALA D 127 -19.44 9.98 0.01
N LYS D 128 -19.81 9.06 0.88
CA LYS D 128 -20.94 9.25 1.83
C LYS D 128 -20.84 10.47 2.74
N LEU D 129 -19.62 10.92 3.03
CA LEU D 129 -19.41 11.98 4.01
C LEU D 129 -19.14 13.41 3.48
N LEU D 130 -18.46 13.52 2.34
CA LEU D 130 -18.08 14.83 1.82
C LEU D 130 -19.26 15.55 1.16
N HIS D 131 -20.10 16.13 2.00
CA HIS D 131 -21.29 16.86 1.57
C HIS D 131 -21.40 18.19 2.33
N ALA D 132 -21.94 19.20 1.66
CA ALA D 132 -22.17 20.50 2.26
C ALA D 132 -23.17 20.39 3.42
N GLY D 133 -22.88 21.11 4.50
CA GLY D 133 -23.71 21.04 5.70
C GLY D 133 -23.25 19.98 6.69
N PHE D 134 -22.55 18.96 6.18
CA PHE D 134 -22.04 17.85 7.00
C PHE D 134 -20.88 18.33 7.83
N LYS D 135 -20.98 18.12 9.14
CA LYS D 135 -19.98 18.60 10.09
C LYS D 135 -18.77 17.70 10.21
N GLY D 136 -17.62 18.33 10.45
CA GLY D 136 -16.37 17.65 10.71
C GLY D 136 -15.68 18.20 11.95
N ARG D 137 -14.70 17.46 12.47
CA ARG D 137 -14.01 17.84 13.70
C ARG D 137 -12.58 18.36 13.46
N VAL D 138 -12.29 19.52 14.03
CA VAL D 138 -10.97 20.14 13.96
C VAL D 138 -10.40 20.29 15.37
N THR D 139 -9.13 19.93 15.53
CA THR D 139 -8.49 19.87 16.84
C THR D 139 -7.04 20.34 16.78
N GLY D 140 -6.59 21.01 17.82
CA GLY D 140 -5.24 21.53 17.84
C GLY D 140 -4.89 22.35 19.05
N TRP D 141 -3.61 22.71 19.08
CA TRP D 141 -3.02 23.42 20.19
C TRP D 141 -2.68 24.87 19.83
N GLY D 142 -3.27 25.34 18.72
CA GLY D 142 -3.02 26.68 18.22
C GLY D 142 -3.75 27.76 19.00
N ASN D 143 -3.54 29.01 18.59
CA ASN D 143 -4.08 30.18 19.26
C ASN D 143 -5.61 30.20 19.36
N ARG D 144 -6.11 30.76 20.46
CA ARG D 144 -7.55 30.88 20.69
C ARG D 144 -8.14 32.15 20.09
N ARG D 145 -7.29 33.13 19.84
CA ARG D 145 -7.68 34.37 19.18
C ARG D 145 -6.69 34.74 18.09
N GLU D 146 -7.01 35.80 17.35
CA GLU D 146 -6.16 36.27 16.27
C GLU D 146 -5.19 37.32 16.81
N THR D 147 -5.56 38.12 17.80
CA THR D 147 -4.52 38.95 18.41
C THR D 147 -4.46 38.86 19.93
N TRP D 148 -3.56 39.63 20.49
CA TRP D 148 -3.34 39.73 21.92
C TRP D 148 -3.34 41.20 22.34
N THR D 149 -3.39 41.45 23.65
CA THR D 149 -3.28 42.80 24.18
C THR D 149 -1.82 43.17 24.42
N THR D 150 -1.07 42.30 25.10
CA THR D 150 0.31 42.59 25.48
C THR D 150 1.28 41.39 25.36
N SER D 151 0.73 40.18 25.43
CA SER D 151 1.54 38.95 25.40
C SER D 151 0.83 37.76 24.74
N VAL D 152 1.61 36.93 24.05
CA VAL D 152 1.07 35.78 23.30
C VAL D 152 0.54 34.67 24.22
N ALA D 153 0.83 34.78 25.52
CA ALA D 153 0.37 33.81 26.52
C ALA D 153 -1.16 33.78 26.68
N GLU D 154 -1.79 34.89 26.38
CA GLU D 154 -3.23 35.08 26.51
C GLU D 154 -4.05 34.25 25.51
N VAL D 155 -3.40 33.78 24.44
CA VAL D 155 -4.11 33.12 23.33
C VAL D 155 -3.81 31.63 23.25
N GLN D 156 -2.81 31.20 24.00
CA GLN D 156 -2.41 29.80 24.05
C GLN D 156 -3.35 28.99 24.91
N PRO D 157 -3.68 27.75 24.46
CA PRO D 157 -4.56 26.88 25.23
C PRO D 157 -3.80 26.03 26.23
N SER D 158 -4.48 25.68 27.32
CA SER D 158 -3.92 24.82 28.36
C SER D 158 -4.20 23.35 28.08
N VAL D 159 -5.28 23.09 27.36
CA VAL D 159 -5.70 21.74 27.01
C VAL D 159 -5.98 21.70 25.51
N LEU D 160 -6.04 20.50 24.92
CA LEU D 160 -6.38 20.33 23.50
C LEU D 160 -7.77 20.88 23.21
N GLN D 161 -7.88 21.63 22.12
CA GLN D 161 -9.14 22.28 21.75
C GLN D 161 -9.86 21.54 20.63
N VAL D 162 -11.19 21.47 20.74
CA VAL D 162 -12.01 20.80 19.74
C VAL D 162 -13.08 21.74 19.23
N VAL D 163 -13.35 21.69 17.93
CA VAL D 163 -14.40 22.48 17.32
C VAL D 163 -15.03 21.71 16.17
N ASN D 164 -16.35 21.76 16.09
CA ASN D 164 -17.07 21.08 15.02
C ASN D 164 -17.64 22.08 14.02
N LEU D 165 -17.21 21.94 12.77
CA LEU D 165 -17.53 22.89 11.71
C LEU D 165 -18.05 22.16 10.48
N PRO D 166 -19.09 22.71 9.83
CA PRO D 166 -19.70 22.03 8.68
C PRO D 166 -18.94 22.29 7.39
N LEU D 167 -18.85 21.26 6.54
CA LEU D 167 -18.32 21.41 5.19
C LEU D 167 -19.16 22.43 4.42
N VAL D 168 -18.49 23.22 3.58
CA VAL D 168 -19.14 24.32 2.86
C VAL D 168 -19.15 24.00 1.38
N GLU D 169 -20.23 24.37 0.69
CA GLU D 169 -20.33 24.11 -0.74
C GLU D 169 -19.22 24.78 -1.54
N ARG D 170 -18.74 24.09 -2.58
CA ARG D 170 -17.57 24.53 -3.33
C ARG D 170 -17.65 25.94 -3.93
N PRO D 171 -18.79 26.30 -4.56
CA PRO D 171 -18.88 27.66 -5.09
C PRO D 171 -18.74 28.73 -3.98
N VAL D 172 -19.29 28.47 -2.80
CA VAL D 172 -19.20 29.43 -1.70
C VAL D 172 -17.76 29.63 -1.24
N CYS D 173 -16.99 28.54 -1.22
CA CYS D 173 -15.55 28.61 -0.92
C CYS D 173 -14.79 29.49 -1.92
N LYS D 174 -15.07 29.30 -3.20
CA LYS D 174 -14.39 30.04 -4.25
C LYS D 174 -14.71 31.52 -4.19
N ALA D 175 -15.96 31.85 -3.89
CA ALA D 175 -16.42 33.24 -3.84
C ALA D 175 -15.95 33.98 -2.59
N SER D 176 -15.45 33.24 -1.60
CA SER D 176 -15.06 33.83 -0.33
C SER D 176 -13.60 34.30 -0.34
N THR D 177 -12.90 34.00 -1.42
CA THR D 177 -11.50 34.32 -1.53
C THR D 177 -11.15 34.71 -2.95
N ARG D 178 -9.93 35.21 -3.13
CA ARG D 178 -9.43 35.51 -4.45
C ARG D 178 -8.37 34.52 -4.87
N ILE D 179 -7.87 33.78 -3.88
CA ILE D 179 -6.94 32.70 -4.12
C ILE D 179 -7.63 31.67 -5.02
N ARG D 180 -6.88 31.11 -5.96
CA ARG D 180 -7.39 30.06 -6.83
C ARG D 180 -7.54 28.76 -6.05
N ILE D 181 -8.76 28.23 -6.02
CA ILE D 181 -9.07 27.00 -5.27
C ILE D 181 -9.03 25.80 -6.23
N THR D 182 -8.32 24.77 -5.84
CA THR D 182 -8.23 23.56 -6.65
C THR D 182 -9.08 22.45 -6.07
N ASP D 183 -9.36 21.43 -6.88
CA ASP D 183 -10.07 20.25 -6.41
C ASP D 183 -9.34 19.52 -5.28
N ASN D 184 -8.05 19.82 -5.11
CA ASN D 184 -7.24 19.22 -4.06
C ASN D 184 -7.42 19.87 -2.69
N MET D 185 -8.34 20.84 -2.61
CA MET D 185 -8.69 21.48 -1.35
C MET D 185 -10.20 21.64 -1.17
N PHE D 186 -10.63 21.67 0.09
CA PHE D 186 -12.02 21.97 0.41
C PHE D 186 -12.04 22.94 1.59
N CYS D 187 -13.17 23.60 1.79
CA CYS D 187 -13.31 24.54 2.90
C CYS D 187 -14.47 24.19 3.83
N ALA D 188 -14.35 24.61 5.09
CA ALA D 188 -15.38 24.36 6.11
C ALA D 188 -15.49 25.54 7.08
N GLY D 189 -16.61 25.58 7.81
CA GLY D 189 -16.89 26.65 8.76
C GLY D 189 -18.33 27.11 8.64
N TYR D 190 -18.72 28.08 9.47
CA TYR D 190 -20.08 28.60 9.43
C TYR D 190 -20.19 29.85 8.59
N LYS D 191 -21.29 29.91 7.83
CA LYS D 191 -21.67 31.08 7.05
C LYS D 191 -22.13 32.19 7.98
N PRO D 192 -22.02 33.46 7.53
CA PRO D 192 -22.59 34.57 8.29
C PRO D 192 -24.08 34.31 8.57
N GLY D 193 -24.50 34.47 9.81
CA GLY D 193 -25.90 34.27 10.14
C GLY D 193 -26.26 32.89 10.66
N GLU D 194 -25.53 31.87 10.21
CA GLU D 194 -25.67 30.53 10.81
C GLU D 194 -25.53 30.64 12.33
N GLY D 195 -24.94 31.74 12.78
CA GLY D 195 -24.97 32.15 14.18
C GLY D 195 -24.02 31.39 15.09
N LYS D 196 -23.21 30.54 14.50
CA LYS D 196 -22.16 29.83 15.23
C LYS D 196 -20.82 30.21 14.64
N ARG D 197 -19.79 30.21 15.47
CA ARG D 197 -18.44 30.56 15.03
C ARG D 197 -17.50 29.38 15.20
N GLY D 198 -16.22 29.62 14.93
CA GLY D 198 -15.18 28.60 15.07
C GLY D 198 -14.29 28.50 13.85
N ASP D 199 -13.00 28.32 14.10
CA ASP D 199 -12.00 28.17 13.04
C ASP D 199 -10.70 27.69 13.64
N ALA D 200 -9.84 27.13 12.80
CA ALA D 200 -8.45 26.87 13.17
C ALA D 200 -7.71 28.20 13.18
N CYS D 201 -6.60 28.25 13.91
CA CYS D 201 -5.75 29.42 13.91
C CYS D 201 -4.27 29.02 13.97
N GLU D 202 -3.39 30.02 13.98
CA GLU D 202 -1.93 29.81 14.00
C GLU D 202 -1.51 28.76 15.05
N GLY D 203 -0.98 27.63 14.58
CA GLY D 203 -0.57 26.55 15.47
C GLY D 203 -1.36 25.27 15.29
N ASP D 204 -2.51 25.39 14.60
CA ASP D 204 -3.39 24.26 14.35
C ASP D 204 -3.11 23.76 12.96
N SER D 205 -2.51 24.62 12.16
CA SER D 205 -2.14 24.30 10.79
C SER D 205 -1.43 22.94 10.71
N GLY D 206 -1.76 22.16 9.70
CA GLY D 206 -1.16 20.83 9.55
C GLY D 206 -1.90 19.73 10.29
N GLY D 207 -2.84 20.14 11.16
CA GLY D 207 -3.64 19.22 11.96
C GLY D 207 -4.76 18.54 11.17
N PRO D 208 -5.54 17.67 11.84
CA PRO D 208 -6.55 16.89 11.15
C PRO D 208 -7.94 17.50 11.16
N PHE D 209 -8.66 17.30 10.05
CA PHE D 209 -10.08 17.52 9.97
C PHE D 209 -10.65 16.11 9.85
N VAL D 210 -11.30 15.66 10.93
CA VAL D 210 -11.83 14.31 11.00
C VAL D 210 -13.35 14.25 11.03
N MET D 211 -13.88 13.22 10.39
CA MET D 211 -15.31 12.95 10.37
C MET D 211 -15.52 11.53 10.84
N LYS D 212 -16.68 11.28 11.45
CA LYS D 212 -17.01 9.94 11.89
C LYS D 212 -17.98 9.23 10.95
N SER D 213 -17.65 8.00 10.59
CA SER D 213 -18.47 7.20 9.67
C SER D 213 -19.64 6.51 10.37
N PRO D 214 -20.86 6.78 9.91
CA PRO D 214 -21.99 6.03 10.46
C PRO D 214 -21.99 4.58 9.98
N TYR D 215 -21.17 4.29 8.97
CA TYR D 215 -21.11 2.94 8.41
C TYR D 215 -20.40 1.95 9.35
N ASN D 216 -19.26 2.34 9.90
CA ASN D 216 -18.49 1.42 10.74
C ASN D 216 -18.06 1.95 12.13
N ASN D 217 -18.62 3.09 12.52
CA ASN D 217 -18.35 3.70 13.84
C ASN D 217 -16.90 4.19 14.05
N ARG D 218 -16.14 4.25 12.95
CA ARG D 218 -14.73 4.67 13.00
C ARG D 218 -14.54 6.10 12.54
N TRP D 219 -13.56 6.78 13.12
CA TRP D 219 -13.20 8.13 12.67
C TRP D 219 -12.28 8.09 11.45
N TYR D 220 -12.52 9.00 10.52
CA TYR D 220 -11.75 9.11 9.29
C TYR D 220 -11.24 10.54 9.15
N GLN D 221 -9.98 10.69 8.75
CA GLN D 221 -9.45 12.01 8.46
C GLN D 221 -9.72 12.44 7.01
N MET D 222 -10.62 13.41 6.86
CA MET D 222 -10.97 13.92 5.53
C MET D 222 -10.08 15.08 5.10
N GLY D 223 -9.55 15.82 6.08
CA GLY D 223 -8.75 17.01 5.77
C GLY D 223 -7.51 17.29 6.59
N ILE D 224 -6.63 18.11 6.03
CA ILE D 224 -5.47 18.59 6.76
C ILE D 224 -5.55 20.11 6.77
N VAL D 225 -5.56 20.68 7.97
CA VAL D 225 -5.66 22.13 8.15
C VAL D 225 -4.55 22.78 7.35
N SER D 226 -4.94 23.53 6.32
CA SER D 226 -3.97 24.08 5.36
C SER D 226 -3.79 25.58 5.52
N TRP D 227 -4.83 26.34 5.25
CA TRP D 227 -4.74 27.81 5.26
C TRP D 227 -6.09 28.54 5.40
N GLY D 228 -6.01 29.82 5.70
CA GLY D 228 -7.15 30.71 5.75
C GLY D 228 -6.68 32.14 5.80
N GLU D 229 -7.54 33.07 5.43
CA GLU D 229 -7.26 34.49 5.58
C GLU D 229 -7.75 34.95 6.93
N GLY D 230 -6.88 34.86 7.93
CA GLY D 230 -7.28 35.22 9.28
C GLY D 230 -7.76 34.04 10.08
N CYS D 231 -8.40 34.34 11.21
CA CYS D 231 -8.97 33.29 12.06
C CYS D 231 -10.39 33.67 12.46
N ASP D 232 -11.34 32.84 12.03
CA ASP D 232 -12.77 33.01 12.36
C ASP D 232 -13.38 34.34 11.91
N ARG D 233 -13.08 34.73 10.67
CA ARG D 233 -13.63 35.97 10.13
C ARG D 233 -14.95 35.70 9.42
N ASP D 234 -15.87 36.66 9.48
CA ASP D 234 -17.15 36.54 8.78
C ASP D 234 -16.97 36.61 7.28
N GLY D 235 -17.54 35.64 6.57
CA GLY D 235 -17.45 35.58 5.11
C GLY D 235 -16.19 34.91 4.62
N LYS D 236 -15.41 34.37 5.55
CA LYS D 236 -14.17 33.67 5.25
C LYS D 236 -14.26 32.27 5.80
N TYR D 237 -13.47 31.36 5.23
CA TYR D 237 -13.49 29.95 5.61
C TYR D 237 -12.08 29.39 5.69
N GLY D 238 -11.91 28.38 6.54
CA GLY D 238 -10.65 27.65 6.62
C GLY D 238 -10.57 26.64 5.49
N PHE D 239 -9.42 26.58 4.84
CA PHE D 239 -9.22 25.65 3.74
C PHE D 239 -8.35 24.48 4.16
N TYR D 240 -8.78 23.30 3.76
CA TYR D 240 -8.19 22.05 4.21
C TYR D 240 -7.81 21.22 2.99
N THR D 241 -6.67 20.54 3.08
CA THR D 241 -6.19 19.64 2.04
C THR D 241 -7.13 18.46 1.94
N HIS D 242 -7.47 18.08 0.71
CA HIS D 242 -8.39 16.97 0.47
C HIS D 242 -7.67 15.62 0.58
N VAL D 243 -7.72 15.02 1.77
CA VAL D 243 -6.95 13.78 2.02
C VAL D 243 -7.28 12.69 0.99
N PHE D 244 -8.55 12.34 0.85
CA PHE D 244 -8.93 11.26 -0.06
C PHE D 244 -8.43 11.42 -1.51
N ARG D 245 -8.46 12.65 -2.03
N ARG D 245 -8.45 12.65 -2.03
CA ARG D 245 -7.98 12.88 -3.39
CA ARG D 245 -7.97 12.89 -3.40
C ARG D 245 -6.48 12.77 -3.53
C ARG D 245 -6.46 12.78 -3.53
N LEU D 246 -5.78 12.75 -2.40
CA LEU D 246 -4.32 12.56 -2.39
C LEU D 246 -3.93 11.23 -1.75
N LYS D 247 -4.90 10.33 -1.63
CA LYS D 247 -4.70 8.99 -1.08
C LYS D 247 -3.69 8.17 -1.89
N LYS D 248 -3.80 8.26 -3.22
CA LYS D 248 -2.88 7.55 -4.14
C LYS D 248 -1.43 7.87 -3.82
N TRP D 249 -1.12 9.16 -3.68
CA TRP D 249 0.22 9.61 -3.37
C TRP D 249 0.68 9.12 -2.00
N ILE D 250 -0.23 9.12 -1.03
CA ILE D 250 0.06 8.63 0.33
C ILE D 250 0.42 7.15 0.30
N GLN D 251 -0.34 6.36 -0.47
CA GLN D 251 -0.08 4.93 -0.64
C GLN D 251 1.20 4.67 -1.44
N LYS D 252 1.49 5.54 -2.40
CA LYS D 252 2.65 5.39 -3.28
C LYS D 252 3.97 5.47 -2.53
N VAL D 253 4.09 6.45 -1.64
CA VAL D 253 5.33 6.64 -0.87
C VAL D 253 5.53 5.53 0.17
N ILE D 254 4.47 4.76 0.46
CA ILE D 254 4.58 3.57 1.33
C ILE D 254 4.37 2.21 0.66
N ASP D 255 3.26 1.54 1.01
CA ASP D 255 2.84 0.20 0.52
C ASP D 255 3.91 -0.72 -0.09
NA NA E . 15.33 -25.66 -24.86
NA NA F . -15.96 32.20 9.56
#